data_3G7R
#
_entry.id   3G7R
#
_cell.length_a   119.103
_cell.length_b   59.129
_cell.length_c   66.895
_cell.angle_alpha   90.00
_cell.angle_beta   101.38
_cell.angle_gamma   90.00
#
_symmetry.space_group_name_H-M   'C 1 2 1'
#
loop_
_entity.id
_entity.type
_entity.pdbx_description
1 polymer 'Putative transcriptional regulator'
2 non-polymer 1,2-ETHANEDIOL
3 non-polymer DI(HYDROXYETHYL)ETHER
4 non-polymer 'SODIUM ION'
5 non-polymer 'IODIDE ION'
6 non-polymer 'CHLORIDE ION'
7 water water
#
_entity_poly.entity_id   1
_entity_poly.type   'polypeptide(L)'
_entity_poly.pdbx_seq_one_letter_code
;(MSE)GSSHHHHHHSSGRENLYFQG(MSE)SPSTEAAARTPSEARARLLGTATRIFYAEGIHSVGIDRITAEAQVTRATL
YRHFSGKDDLILAYLDQADRGIRAQVTAARGSSPAADGQVRAVARSIVDGIRSPGFRGCAFLNAVAEYPDPAHPVHRAVL
AHRQWFLDTVTELLAQVGDGDGVAAGRHLV(MSE)LRDGA(MSE)AAGCLFDPELVSETFLHGVEGVLRDVSEKTSA
;
_entity_poly.pdbx_strand_id   A,B
#
loop_
_chem_comp.id
_chem_comp.type
_chem_comp.name
_chem_comp.formula
CL non-polymer 'CHLORIDE ION' 'Cl -1'
EDO non-polymer 1,2-ETHANEDIOL 'C2 H6 O2'
IOD non-polymer 'IODIDE ION' 'I -1'
NA non-polymer 'SODIUM ION' 'Na 1'
PEG non-polymer DI(HYDROXYETHYL)ETHER 'C4 H10 O3'
#
# COMPACT_ATOMS: atom_id res chain seq x y z
N ASN A 16 22.49 -1.15 4.16
CA ASN A 16 22.00 0.25 4.02
C ASN A 16 20.47 0.33 3.94
N LEU A 17 19.92 -0.09 2.81
CA LEU A 17 18.46 -0.23 2.69
C LEU A 17 18.02 -1.49 3.42
N TYR A 18 16.72 -1.61 3.68
CA TYR A 18 16.25 -2.65 4.60
C TYR A 18 16.58 -4.07 4.14
N PHE A 19 16.70 -4.25 2.83
CA PHE A 19 16.99 -5.56 2.24
C PHE A 19 18.50 -5.77 1.99
N GLN A 20 19.32 -4.86 2.53
CA GLN A 20 20.78 -4.89 2.33
C GLN A 20 21.54 -5.13 3.64
N SER A 34 32.52 -7.57 -11.89
CA SER A 34 32.44 -6.29 -12.66
C SER A 34 32.06 -5.10 -11.80
N GLU A 35 32.95 -4.12 -11.71
CA GLU A 35 32.69 -2.88 -11.00
C GLU A 35 31.61 -2.04 -11.69
N ALA A 36 31.63 -1.98 -13.03
CA ALA A 36 30.60 -1.27 -13.79
C ALA A 36 29.22 -1.85 -13.50
N ARG A 37 29.10 -3.18 -13.56
CA ARG A 37 27.81 -3.83 -13.29
C ARG A 37 27.35 -3.55 -11.86
N ALA A 38 28.28 -3.59 -10.91
CA ALA A 38 27.94 -3.32 -9.51
C ALA A 38 27.46 -1.89 -9.32
N ARG A 39 28.08 -0.92 -9.99
CA ARG A 39 27.65 0.48 -9.90
C ARG A 39 26.26 0.62 -10.51
N LEU A 40 26.05 -0.03 -11.66
CA LEU A 40 24.75 0.03 -12.31
C LEU A 40 23.67 -0.53 -11.40
N LEU A 41 23.89 -1.72 -10.88
CA LEU A 41 22.89 -2.37 -10.05
C LEU A 41 22.66 -1.61 -8.73
N GLY A 42 23.74 -1.12 -8.11
CA GLY A 42 23.61 -0.35 -6.88
C GLY A 42 22.89 0.97 -7.07
N THR A 43 23.19 1.66 -8.16
CA THR A 43 22.56 2.92 -8.48
C THR A 43 21.08 2.74 -8.81
N ALA A 44 20.76 1.76 -9.67
CA ALA A 44 19.37 1.48 -10.03
C ALA A 44 18.59 1.13 -8.78
N THR A 45 19.17 0.28 -7.93
CA THR A 45 18.53 -0.11 -6.67
C THR A 45 18.20 1.11 -5.81
N ARG A 46 19.19 1.98 -5.58
CA ARG A 46 19.02 3.16 -4.74
C ARG A 46 17.93 4.06 -5.28
N ILE A 47 17.98 4.36 -6.58
CA ILE A 47 17.08 5.34 -7.15
C ILE A 47 15.66 4.76 -7.32
N PHE A 48 15.56 3.54 -7.86
CA PHE A 48 14.25 2.93 -8.04
C PHE A 48 13.57 2.80 -6.67
N TYR A 49 14.32 2.34 -5.67
CA TYR A 49 13.71 2.14 -4.37
C TYR A 49 13.22 3.46 -3.75
N ALA A 50 14.06 4.49 -3.80
CA ALA A 50 13.73 5.78 -3.20
C ALA A 50 12.70 6.58 -3.97
N GLU A 51 12.74 6.52 -5.31
CA GLU A 51 12.01 7.49 -6.12
C GLU A 51 10.89 6.94 -6.98
N GLY A 52 10.91 5.62 -7.21
CA GLY A 52 9.98 4.99 -8.14
C GLY A 52 10.67 4.54 -9.43
N ILE A 53 9.90 3.95 -10.34
CA ILE A 53 10.47 3.24 -11.47
C ILE A 53 10.21 3.94 -12.81
N HIS A 54 8.95 4.13 -13.19
CA HIS A 54 8.66 4.73 -14.51
C HIS A 54 9.27 6.12 -14.66
N SER A 55 9.28 6.89 -13.58
CA SER A 55 9.77 8.28 -13.62
C SER A 55 11.29 8.39 -13.71
N VAL A 56 12.00 7.27 -13.56
CA VAL A 56 13.47 7.25 -13.52
C VAL A 56 14.00 6.65 -14.83
N GLY A 57 14.71 7.45 -15.61
CA GLY A 57 15.16 7.00 -16.92
C GLY A 57 16.54 6.37 -16.84
N ILE A 58 16.87 5.55 -17.83
CA ILE A 58 18.21 4.95 -17.86
C ILE A 58 19.32 5.99 -18.05
N ASP A 59 19.01 7.13 -18.67
CA ASP A 59 20.00 8.21 -18.81
C ASP A 59 20.46 8.75 -17.45
N ARG A 60 19.53 8.88 -16.51
CA ARG A 60 19.88 9.28 -15.16
C ARG A 60 20.66 8.18 -14.42
N ILE A 61 20.22 6.93 -14.58
CA ILE A 61 20.92 5.81 -13.94
C ILE A 61 22.36 5.68 -14.44
N THR A 62 22.55 5.73 -15.75
CA THR A 62 23.91 5.61 -16.30
C THR A 62 24.80 6.78 -15.87
N ALA A 63 24.26 7.99 -15.88
CA ALA A 63 25.01 9.16 -15.42
C ALA A 63 25.46 8.98 -13.98
N GLU A 64 24.53 8.61 -13.10
CA GLU A 64 24.88 8.47 -11.68
C GLU A 64 25.75 7.24 -11.39
N ALA A 65 25.62 6.21 -12.23
CA ALA A 65 26.44 5.00 -12.12
C ALA A 65 27.82 5.16 -12.76
N GLN A 66 28.04 6.29 -13.44
CA GLN A 66 29.31 6.55 -14.13
C GLN A 66 29.62 5.46 -15.15
N VAL A 67 28.61 5.14 -15.96
CA VAL A 67 28.79 4.24 -17.10
C VAL A 67 28.07 4.83 -18.30
N THR A 68 28.39 4.31 -19.48
CA THR A 68 27.67 4.69 -20.69
C THR A 68 26.45 3.79 -20.91
N ARG A 69 25.59 4.24 -21.80
CA ARG A 69 24.45 3.42 -22.24
C ARG A 69 24.93 2.08 -22.83
N ALA A 70 26.00 2.12 -23.63
CA ALA A 70 26.53 0.89 -24.22
C ALA A 70 27.03 -0.10 -23.16
N THR A 71 27.57 0.43 -22.06
CA THR A 71 27.97 -0.43 -20.94
C THR A 71 26.73 -1.04 -20.25
N LEU A 72 25.70 -0.23 -20.04
CA LEU A 72 24.46 -0.77 -19.47
C LEU A 72 23.96 -1.96 -20.27
N TYR A 73 23.86 -1.81 -21.60
CA TYR A 73 23.33 -2.89 -22.44
C TYR A 73 24.28 -4.08 -22.57
N ARG A 74 25.55 -3.87 -22.25
CA ARG A 74 26.50 -4.97 -22.19
C ARG A 74 26.21 -5.88 -20.99
N HIS A 75 25.56 -5.34 -19.95
CA HIS A 75 25.26 -6.12 -18.75
C HIS A 75 23.79 -6.49 -18.58
N PHE A 76 22.90 -5.67 -19.14
CA PHE A 76 21.46 -5.84 -18.99
C PHE A 76 20.79 -5.69 -20.35
N SER A 77 19.71 -6.43 -20.59
CA SER A 77 19.04 -6.39 -21.91
C SER A 77 18.17 -5.15 -22.10
N GLY A 78 18.11 -4.31 -21.08
CA GLY A 78 17.30 -3.09 -21.12
C GLY A 78 16.85 -2.72 -19.73
N LYS A 79 16.05 -1.65 -19.65
CA LYS A 79 15.56 -1.19 -18.33
C LYS A 79 14.80 -2.29 -17.60
N ASP A 80 13.94 -3.03 -18.30
CA ASP A 80 13.16 -4.07 -17.65
C ASP A 80 14.02 -5.12 -16.96
N ASP A 81 15.09 -5.55 -17.63
CA ASP A 81 16.01 -6.51 -17.05
C ASP A 81 16.68 -5.92 -15.82
N LEU A 82 17.03 -4.64 -15.87
CA LEU A 82 17.66 -3.98 -14.73
C LEU A 82 16.71 -3.86 -13.54
N ILE A 83 15.44 -3.57 -13.82
CA ILE A 83 14.42 -3.51 -12.76
C ILE A 83 14.30 -4.88 -12.10
N LEU A 84 14.24 -5.93 -12.91
CA LEU A 84 14.14 -7.29 -12.36
C LEU A 84 15.37 -7.68 -11.54
N ALA A 85 16.55 -7.22 -11.96
CA ALA A 85 17.76 -7.51 -11.21
C ALA A 85 17.77 -6.80 -9.85
N TYR A 86 17.28 -5.55 -9.83
CA TYR A 86 17.06 -4.82 -8.58
C TYR A 86 16.12 -5.57 -7.64
N LEU A 87 14.98 -6.01 -8.15
CA LEU A 87 14.02 -6.73 -7.31
C LEU A 87 14.57 -8.08 -6.85
N ASP A 88 15.35 -8.73 -7.70
CA ASP A 88 15.98 -9.98 -7.35
C ASP A 88 16.97 -9.81 -6.18
N GLN A 89 17.74 -8.72 -6.22
N GLN A 89 17.74 -8.72 -6.18
CA GLN A 89 18.65 -8.39 -5.12
CA GLN A 89 18.67 -8.45 -5.07
C GLN A 89 17.86 -8.26 -3.83
C GLN A 89 17.94 -8.11 -3.78
N ALA A 90 16.75 -7.52 -3.90
CA ALA A 90 15.91 -7.28 -2.73
C ALA A 90 15.35 -8.60 -2.22
N ASP A 91 14.84 -9.42 -3.13
CA ASP A 91 14.35 -10.76 -2.79
C ASP A 91 15.41 -11.57 -2.05
N ARG A 92 16.62 -11.61 -2.60
CA ARG A 92 17.68 -12.42 -2.01
C ARG A 92 18.07 -11.91 -0.65
N GLY A 93 18.12 -10.58 -0.50
CA GLY A 93 18.51 -9.96 0.76
C GLY A 93 17.49 -10.24 1.86
N ILE A 94 16.21 -10.08 1.53
CA ILE A 94 15.13 -10.36 2.48
C ILE A 94 15.11 -11.85 2.88
N ARG A 95 15.26 -12.74 1.91
CA ARG A 95 15.29 -14.16 2.21
C ARG A 95 16.42 -14.50 3.18
N ALA A 96 17.59 -13.93 2.93
CA ALA A 96 18.73 -14.17 3.82
C ALA A 96 18.43 -13.67 5.24
N GLN A 97 17.82 -12.50 5.34
N GLN A 97 17.84 -12.48 5.33
CA GLN A 97 17.50 -11.90 6.63
CA GLN A 97 17.47 -11.88 6.62
C GLN A 97 16.43 -12.67 7.40
C GLN A 97 16.48 -12.73 7.38
N VAL A 98 15.42 -13.16 6.69
CA VAL A 98 14.37 -13.97 7.31
C VAL A 98 14.92 -15.33 7.75
N THR A 99 15.76 -15.92 6.91
CA THR A 99 16.45 -17.16 7.29
C THR A 99 17.34 -16.95 8.52
N ALA A 100 18.09 -15.85 8.56
CA ALA A 100 18.92 -15.56 9.73
C ALA A 100 18.05 -15.35 10.98
N ALA A 101 16.90 -14.69 10.83
CA ALA A 101 15.97 -14.53 11.94
C ALA A 101 15.48 -15.88 12.47
N ARG A 102 15.15 -16.79 11.56
N ARG A 102 15.13 -16.79 11.58
CA ARG A 102 14.74 -18.15 11.95
CA ARG A 102 14.73 -18.13 12.02
C ARG A 102 15.86 -18.93 12.64
C ARG A 102 15.88 -18.81 12.77
N GLY A 103 17.10 -18.64 12.27
CA GLY A 103 18.26 -19.25 12.88
C GLY A 103 18.65 -18.67 14.23
N SER A 104 18.06 -17.53 14.59
CA SER A 104 18.47 -16.78 15.77
C SER A 104 17.82 -17.28 17.06
N SER A 105 16.79 -18.12 16.94
CA SER A 105 16.10 -18.69 18.11
C SER A 105 15.74 -20.13 17.80
N PRO A 106 15.87 -21.04 18.78
CA PRO A 106 15.45 -22.42 18.53
C PRO A 106 13.92 -22.60 18.61
N ALA A 107 13.20 -21.59 19.12
CA ALA A 107 11.78 -21.70 19.41
C ALA A 107 10.94 -21.05 18.31
N ALA A 108 9.83 -21.70 17.94
CA ALA A 108 9.00 -21.17 16.85
C ALA A 108 8.49 -19.76 17.13
N ASP A 109 8.04 -19.51 18.37
CA ASP A 109 7.57 -18.17 18.70
C ASP A 109 8.70 -17.15 18.71
N GLY A 110 9.87 -17.54 19.22
CA GLY A 110 11.07 -16.69 19.16
C GLY A 110 11.44 -16.35 17.73
N GLN A 111 11.26 -17.28 16.81
CA GLN A 111 11.58 -17.03 15.40
C GLN A 111 10.62 -16.02 14.79
N VAL A 112 9.32 -16.14 15.08
CA VAL A 112 8.36 -15.12 14.65
C VAL A 112 8.75 -13.75 15.19
N ARG A 113 9.09 -13.68 16.49
CA ARG A 113 9.48 -12.40 17.09
C ARG A 113 10.71 -11.82 16.41
N ALA A 114 11.66 -12.67 16.06
CA ALA A 114 12.89 -12.21 15.40
C ALA A 114 12.62 -11.69 14.00
N VAL A 115 11.72 -12.36 13.28
CA VAL A 115 11.29 -11.85 11.96
C VAL A 115 10.65 -10.47 12.13
N ALA A 116 9.79 -10.34 13.14
CA ALA A 116 9.13 -9.05 13.39
C ALA A 116 10.13 -7.95 13.74
N ARG A 117 11.13 -8.28 14.56
CA ARG A 117 12.18 -7.32 14.87
C ARG A 117 12.96 -6.88 13.63
N SER A 118 13.25 -7.83 12.75
N SER A 118 13.25 -7.82 12.74
CA SER A 118 13.95 -7.50 11.50
CA SER A 118 13.96 -7.51 11.50
C SER A 118 13.13 -6.50 10.69
C SER A 118 13.15 -6.55 10.62
N ILE A 119 11.83 -6.74 10.58
CA ILE A 119 10.93 -5.85 9.85
C ILE A 119 10.98 -4.43 10.43
N VAL A 120 10.88 -4.33 11.77
N VAL A 120 10.86 -4.30 11.75
CA VAL A 120 10.93 -3.05 12.47
CA VAL A 120 10.84 -2.96 12.35
C VAL A 120 12.25 -2.33 12.24
C VAL A 120 12.22 -2.30 12.33
N ASP A 121 13.36 -3.06 12.36
N ASP A 121 13.28 -3.10 12.32
CA ASP A 121 14.66 -2.43 12.17
CA ASP A 121 14.62 -2.55 12.16
C ASP A 121 14.76 -1.80 10.78
C ASP A 121 14.67 -1.79 10.83
N GLY A 122 14.13 -2.41 9.78
CA GLY A 122 14.06 -1.81 8.46
C GLY A 122 13.20 -0.56 8.43
N ILE A 123 12.00 -0.67 9.00
CA ILE A 123 11.06 0.45 9.03
C ILE A 123 11.67 1.70 9.69
N ARG A 124 12.47 1.51 10.73
CA ARG A 124 13.03 2.65 11.46
C ARG A 124 14.40 3.08 10.95
N SER A 125 14.88 2.47 9.87
CA SER A 125 16.20 2.79 9.35
C SER A 125 16.16 4.05 8.48
N PRO A 126 17.26 4.83 8.48
CA PRO A 126 17.30 6.00 7.58
C PRO A 126 17.11 5.60 6.12
N GLY A 127 16.26 6.33 5.42
CA GLY A 127 16.00 6.02 4.01
C GLY A 127 14.97 4.93 3.75
N PHE A 128 14.29 4.47 4.79
CA PHE A 128 13.20 3.54 4.57
C PHE A 128 12.16 4.22 3.68
N ARG A 129 11.65 3.45 2.72
CA ARG A 129 10.71 4.00 1.75
C ARG A 129 9.68 2.92 1.36
N GLY A 130 9.24 2.15 2.36
CA GLY A 130 8.19 1.17 2.14
C GLY A 130 8.68 -0.16 1.62
N CYS A 131 7.74 -1.02 1.27
CA CYS A 131 8.08 -2.31 0.70
C CYS A 131 8.46 -2.15 -0.79
N ALA A 132 9.66 -2.63 -1.17
CA ALA A 132 10.10 -2.55 -2.56
C ALA A 132 9.09 -3.20 -3.52
N PHE A 133 8.49 -4.29 -3.07
CA PHE A 133 7.58 -5.05 -3.91
C PHE A 133 6.22 -4.40 -4.04
N LEU A 134 5.66 -3.92 -2.92
CA LEU A 134 4.41 -3.19 -3.01
C LEU A 134 4.57 -1.91 -3.83
N ASN A 135 5.71 -1.22 -3.68
CA ASN A 135 5.94 -0.04 -4.49
C ASN A 135 6.04 -0.36 -5.98
N ALA A 136 6.70 -1.46 -6.31
CA ALA A 136 6.82 -1.85 -7.71
C ALA A 136 5.48 -2.25 -8.30
N VAL A 137 4.69 -3.02 -7.53
CA VAL A 137 3.43 -3.50 -8.06
C VAL A 137 2.40 -2.38 -8.26
N ALA A 138 2.53 -1.29 -7.51
CA ALA A 138 1.71 -0.11 -7.76
C ALA A 138 1.88 0.39 -9.19
N GLU A 139 3.10 0.24 -9.72
CA GLU A 139 3.41 0.74 -11.06
C GLU A 139 3.28 -0.31 -12.15
N TYR A 140 3.18 -1.58 -11.73
CA TYR A 140 3.11 -2.70 -12.69
C TYR A 140 1.91 -3.57 -12.37
N PRO A 141 0.70 -3.05 -12.62
CA PRO A 141 -0.52 -3.79 -12.24
C PRO A 141 -0.94 -4.97 -13.11
N ASP A 142 -0.41 -5.12 -14.33
CA ASP A 142 -0.81 -6.27 -15.15
C ASP A 142 -0.26 -7.54 -14.55
N PRO A 143 -1.15 -8.49 -14.17
CA PRO A 143 -0.69 -9.67 -13.41
C PRO A 143 0.40 -10.49 -14.10
N ALA A 144 0.42 -10.50 -15.43
CA ALA A 144 1.39 -11.28 -16.18
C ALA A 144 2.69 -10.53 -16.47
N HIS A 145 2.78 -9.25 -16.12
CA HIS A 145 4.04 -8.54 -16.31
C HIS A 145 5.12 -9.18 -15.42
N PRO A 146 6.35 -9.37 -15.95
CA PRO A 146 7.40 -9.97 -15.13
C PRO A 146 7.62 -9.32 -13.76
N VAL A 147 7.47 -8.00 -13.66
CA VAL A 147 7.60 -7.34 -12.36
C VAL A 147 6.48 -7.80 -11.41
N HIS A 148 5.26 -7.87 -11.92
CA HIS A 148 4.11 -8.32 -11.13
C HIS A 148 4.29 -9.76 -10.68
N ARG A 149 4.75 -10.62 -11.59
CA ARG A 149 5.01 -12.01 -11.25
C ARG A 149 6.08 -12.13 -10.16
N ALA A 150 7.12 -11.30 -10.23
CA ALA A 150 8.17 -11.30 -9.22
C ALA A 150 7.62 -10.89 -7.86
N VAL A 151 6.75 -9.90 -7.85
CA VAL A 151 6.11 -9.46 -6.61
C VAL A 151 5.30 -10.60 -5.99
N LEU A 152 4.46 -11.26 -6.80
CA LEU A 152 3.63 -12.33 -6.28
C LEU A 152 4.47 -13.51 -5.77
N ALA A 153 5.55 -13.83 -6.46
CA ALA A 153 6.40 -14.94 -6.04
C ALA A 153 7.06 -14.64 -4.70
N HIS A 154 7.57 -13.42 -4.53
CA HIS A 154 8.17 -13.05 -3.27
C HIS A 154 7.14 -13.10 -2.13
N ARG A 155 5.98 -12.49 -2.38
CA ARG A 155 4.91 -12.46 -1.38
C ARG A 155 4.46 -13.86 -0.98
N GLN A 156 4.36 -14.77 -1.95
CA GLN A 156 3.91 -16.12 -1.61
C GLN A 156 4.95 -16.84 -0.75
N TRP A 157 6.22 -16.66 -1.07
CA TRP A 157 7.29 -17.22 -0.23
C TRP A 157 7.17 -16.70 1.21
N PHE A 158 6.95 -15.40 1.35
CA PHE A 158 6.86 -14.82 2.69
C PHE A 158 5.66 -15.36 3.46
N LEU A 159 4.50 -15.39 2.80
CA LEU A 159 3.30 -15.94 3.41
C LEU A 159 3.51 -17.40 3.82
N ASP A 160 4.07 -18.21 2.92
CA ASP A 160 4.33 -19.61 3.23
C ASP A 160 5.26 -19.76 4.43
N THR A 161 6.26 -18.90 4.49
CA THR A 161 7.26 -18.94 5.56
C THR A 161 6.63 -18.62 6.92
N VAL A 162 5.89 -17.52 7.00
CA VAL A 162 5.30 -17.16 8.28
C VAL A 162 4.17 -18.09 8.69
N THR A 163 3.41 -18.61 7.71
CA THR A 163 2.38 -19.61 7.97
C THR A 163 3.00 -20.85 8.63
N GLU A 164 4.11 -21.30 8.08
CA GLU A 164 4.81 -22.46 8.60
C GLU A 164 5.32 -22.20 10.03
N LEU A 165 5.87 -21.02 10.27
CA LEU A 165 6.27 -20.67 11.63
C LEU A 165 5.10 -20.73 12.60
N LEU A 166 3.99 -20.11 12.20
CA LEU A 166 2.83 -20.03 13.10
C LEU A 166 2.20 -21.39 13.33
N ALA A 167 2.27 -22.27 12.33
CA ALA A 167 1.80 -23.64 12.48
C ALA A 167 2.55 -24.40 13.58
N GLN A 168 3.74 -23.92 13.92
CA GLN A 168 4.55 -24.55 14.96
C GLN A 168 4.38 -23.90 16.33
N VAL A 169 3.67 -22.77 16.39
CA VAL A 169 3.42 -22.09 17.65
C VAL A 169 2.18 -22.63 18.39
N GLY A 170 1.15 -23.03 17.64
CA GLY A 170 -0.08 -23.53 18.23
C GLY A 170 -0.49 -24.81 17.53
N ASP A 171 -1.63 -25.35 17.93
CA ASP A 171 -2.09 -26.63 17.44
C ASP A 171 -2.67 -26.54 16.02
N GLY A 172 -3.17 -25.37 15.64
CA GLY A 172 -3.76 -25.20 14.30
C GLY A 172 -2.71 -25.10 13.21
N ASP A 173 -3.17 -25.02 11.96
CA ASP A 173 -2.31 -25.08 10.79
C ASP A 173 -1.62 -23.75 10.43
N GLY A 174 -1.91 -22.70 11.19
CA GLY A 174 -1.27 -21.40 10.94
C GLY A 174 -1.74 -20.64 9.71
N VAL A 175 -2.70 -21.19 8.97
CA VAL A 175 -3.08 -20.59 7.68
C VAL A 175 -3.76 -19.23 7.86
N ALA A 176 -4.80 -19.17 8.69
CA ALA A 176 -5.48 -17.91 8.97
C ALA A 176 -4.54 -16.92 9.65
N ALA A 177 -3.76 -17.41 10.61
CA ALA A 177 -2.84 -16.56 11.36
C ALA A 177 -1.76 -15.99 10.45
N GLY A 178 -1.27 -16.80 9.50
CA GLY A 178 -0.26 -16.35 8.54
C GLY A 178 -0.77 -15.20 7.69
N ARG A 179 -2.00 -15.32 7.21
N ARG A 179 -2.00 -15.32 7.21
CA ARG A 179 -2.62 -14.22 6.46
CA ARG A 179 -2.59 -14.26 6.39
C ARG A 179 -2.72 -12.96 7.33
C ARG A 179 -2.81 -12.99 7.23
N HIS A 180 -3.09 -13.15 8.58
N HIS A 180 -3.08 -13.17 8.51
CA HIS A 180 -3.20 -12.03 9.53
CA HIS A 180 -3.28 -12.05 9.42
C HIS A 180 -1.85 -11.35 9.74
C HIS A 180 -1.95 -11.35 9.70
N LEU A 181 -0.81 -12.14 10.00
N LEU A 181 -0.90 -12.12 9.98
CA LEU A 181 0.52 -11.57 10.18
CA LEU A 181 0.41 -11.53 10.19
C LEU A 181 1.00 -10.82 8.94
C LEU A 181 0.87 -10.76 8.95
N VAL A 182 0.72 -11.37 7.77
CA VAL A 182 1.08 -10.71 6.51
C VAL A 182 0.31 -9.38 6.36
N MSE A 183 -0.96 -9.36 6.73
CA MSE A 183 -1.73 -8.12 6.68
C MSE A 183 -1.14 -7.04 7.56
O MSE A 183 -1.02 -5.88 7.16
CB MSE A 183 -3.19 -8.41 7.05
CG MSE A 183 -4.10 -7.20 6.89
SE MSE A 183 -5.96 -7.67 6.99
CE MSE A 183 -6.05 -8.72 5.35
N LEU A 184 -0.75 -7.41 8.78
CA LEU A 184 -0.07 -6.46 9.66
C LEU A 184 1.26 -5.99 9.08
N ARG A 185 2.07 -6.92 8.55
CA ARG A 185 3.34 -6.58 7.94
C ARG A 185 3.14 -5.64 6.73
N ASP A 186 2.15 -5.92 5.90
CA ASP A 186 1.89 -5.08 4.74
C ASP A 186 1.50 -3.68 5.17
N GLY A 187 0.65 -3.56 6.18
CA GLY A 187 0.26 -2.24 6.67
C GLY A 187 1.40 -1.49 7.33
N ALA A 188 2.26 -2.22 8.04
CA ALA A 188 3.42 -1.61 8.67
C ALA A 188 4.43 -1.08 7.65
N MSE A 189 4.72 -1.89 6.63
CA MSE A 189 5.67 -1.48 5.60
C MSE A 189 5.13 -0.28 4.82
O MSE A 189 5.86 0.66 4.52
CB MSE A 189 6.00 -2.65 4.66
CG MSE A 189 6.69 -3.83 5.34
SE MSE A 189 8.50 -3.47 5.90
CE MSE A 189 9.36 -3.42 4.15
N ALA A 190 3.84 -0.32 4.51
CA ALA A 190 3.21 0.78 3.78
C ALA A 190 3.24 2.08 4.58
N ALA A 191 2.86 2.01 5.85
CA ALA A 191 2.76 3.23 6.66
C ALA A 191 4.10 3.70 7.19
N GLY A 192 5.10 2.83 7.22
CA GLY A 192 6.38 3.17 7.84
C GLY A 192 7.09 4.36 7.19
N CYS A 193 6.76 4.64 5.93
CA CYS A 193 7.29 5.81 5.24
C CYS A 193 6.25 6.92 5.04
N LEU A 194 5.11 6.81 5.74
CA LEU A 194 3.99 7.75 5.63
C LEU A 194 3.54 8.23 7.01
N PHE A 195 4.14 7.68 8.06
CA PHE A 195 3.71 7.94 9.43
C PHE A 195 4.92 7.68 10.30
N ASP A 196 4.92 8.21 11.51
CA ASP A 196 6.05 8.09 12.42
C ASP A 196 6.52 6.64 12.53
N PRO A 197 7.75 6.34 12.08
CA PRO A 197 8.20 4.93 12.08
C PRO A 197 8.27 4.29 13.46
N GLU A 198 8.54 5.08 14.49
CA GLU A 198 8.55 4.54 15.86
C GLU A 198 7.15 4.06 16.26
N LEU A 199 6.14 4.86 15.94
CA LEU A 199 4.76 4.51 16.28
C LEU A 199 4.27 3.33 15.43
N VAL A 200 4.61 3.33 14.13
CA VAL A 200 4.26 2.21 13.27
C VAL A 200 4.85 0.92 13.83
N SER A 201 6.10 0.98 14.27
N SER A 201 6.11 0.97 14.25
CA SER A 201 6.78 -0.21 14.75
CA SER A 201 6.79 -0.20 14.82
C SER A 201 6.17 -0.72 16.05
C SER A 201 6.04 -0.73 16.03
N GLU A 202 5.78 0.21 16.92
N GLU A 202 5.78 0.15 16.99
CA GLU A 202 5.10 -0.15 18.17
CA GLU A 202 5.08 -0.28 18.20
C GLU A 202 3.78 -0.88 17.90
C GLU A 202 3.76 -0.96 17.86
N THR A 203 2.97 -0.34 16.98
CA THR A 203 1.69 -0.94 16.62
C THR A 203 1.91 -2.32 16.00
N PHE A 204 2.90 -2.44 15.12
CA PHE A 204 3.16 -3.71 14.47
C PHE A 204 3.57 -4.79 15.47
N LEU A 205 4.49 -4.47 16.38
CA LEU A 205 4.95 -5.47 17.33
C LEU A 205 3.81 -5.93 18.26
N HIS A 206 2.94 -5.00 18.67
CA HIS A 206 1.77 -5.34 19.47
C HIS A 206 0.84 -6.26 18.67
N GLY A 207 0.66 -5.96 17.39
CA GLY A 207 -0.15 -6.81 16.51
C GLY A 207 0.42 -8.22 16.43
N VAL A 208 1.75 -8.32 16.27
CA VAL A 208 2.40 -9.63 16.20
C VAL A 208 2.21 -10.42 17.50
N GLU A 209 2.38 -9.75 18.64
CA GLU A 209 2.13 -10.42 19.93
C GLU A 209 0.70 -10.95 20.01
N GLY A 210 -0.25 -10.18 19.48
CA GLY A 210 -1.64 -10.63 19.47
C GLY A 210 -1.85 -11.86 18.62
N VAL A 211 -1.23 -11.91 17.43
CA VAL A 211 -1.33 -13.10 16.59
C VAL A 211 -0.72 -14.34 17.29
N LEU A 212 0.44 -14.16 17.93
CA LEU A 212 1.07 -15.25 18.68
C LEU A 212 0.16 -15.75 19.81
N ARG A 213 -0.47 -14.81 20.51
CA ARG A 213 -1.42 -15.17 21.57
C ARG A 213 -2.60 -15.94 20.99
N ASP A 214 -3.15 -15.43 19.89
CA ASP A 214 -4.34 -16.00 19.24
C ASP A 214 -4.12 -17.45 18.85
N VAL A 215 -2.96 -17.74 18.27
CA VAL A 215 -2.70 -19.10 17.79
C VAL A 215 -2.37 -20.07 18.91
N SER A 216 -1.91 -19.53 20.04
CA SER A 216 -1.52 -20.36 21.18
C SER A 216 -2.76 -20.81 21.96
N GLU A 217 -3.88 -20.15 21.70
CA GLU A 217 -5.17 -20.55 22.26
C GLU A 217 -6.02 -21.31 21.24
N ASN B 16 -18.58 1.09 -11.59
CA ASN B 16 -18.05 2.14 -10.68
C ASN B 16 -16.88 1.63 -9.85
N LEU B 17 -15.89 2.50 -9.66
CA LEU B 17 -14.77 2.19 -8.79
C LEU B 17 -15.18 2.34 -7.32
N TYR B 18 -14.36 1.80 -6.43
CA TYR B 18 -14.77 1.66 -5.03
C TYR B 18 -15.10 2.99 -4.36
N PHE B 19 -14.49 4.08 -4.84
CA PHE B 19 -14.69 5.41 -4.28
C PHE B 19 -15.76 6.25 -4.99
N GLN B 20 -16.51 5.63 -5.91
CA GLN B 20 -17.47 6.37 -6.75
C GLN B 20 -18.96 6.18 -6.42
N GLY B 21 -19.37 6.58 -5.21
CA GLY B 21 -20.75 6.41 -4.75
C GLY B 21 -21.73 7.39 -5.36
N MSE B 22 -23.03 7.07 -5.26
CA MSE B 22 -24.10 7.87 -5.87
C MSE B 22 -24.13 9.33 -5.41
O MSE B 22 -24.18 10.25 -6.24
CB MSE B 22 -25.47 7.20 -5.66
CG MSE B 22 -26.63 7.88 -6.37
SE MSE B 22 -26.43 7.99 -8.31
CE MSE B 22 -26.58 6.09 -8.75
N SER B 23 -24.10 9.56 -4.10
CA SER B 23 -24.13 10.92 -3.58
C SER B 23 -22.95 11.78 -4.08
N PRO B 24 -21.69 11.36 -3.81
CA PRO B 24 -20.59 12.22 -4.28
C PRO B 24 -20.51 12.39 -5.80
N SER B 25 -20.83 11.35 -6.56
N SER B 25 -20.85 11.35 -6.57
CA SER B 25 -20.82 11.41 -8.03
CA SER B 25 -20.82 11.42 -8.04
C SER B 25 -21.86 12.40 -8.55
C SER B 25 -21.89 12.37 -8.59
N THR B 26 -23.06 12.38 -7.96
CA THR B 26 -24.16 13.26 -8.36
C THR B 26 -23.82 14.72 -8.02
N GLU B 27 -23.22 14.93 -6.85
CA GLU B 27 -22.82 16.27 -6.43
C GLU B 27 -21.68 16.80 -7.28
N ALA B 28 -20.76 15.91 -7.67
CA ALA B 28 -19.67 16.26 -8.59
C ALA B 28 -20.23 16.71 -9.95
N ALA B 29 -21.23 15.98 -10.46
CA ALA B 29 -21.88 16.32 -11.73
C ALA B 29 -22.52 17.71 -11.71
N ALA B 30 -23.17 18.05 -10.60
CA ALA B 30 -23.79 19.37 -10.42
C ALA B 30 -22.74 20.48 -10.38
N ARG B 31 -21.54 20.15 -9.91
CA ARG B 31 -20.41 21.08 -9.86
C ARG B 31 -19.69 21.18 -11.20
N THR B 32 -19.95 20.23 -12.09
CA THR B 32 -19.20 20.11 -13.34
C THR B 32 -20.13 20.14 -14.56
N PRO B 33 -20.60 21.34 -14.95
CA PRO B 33 -21.49 21.46 -16.09
C PRO B 33 -20.81 21.23 -17.44
N SER B 34 -19.48 21.40 -17.50
CA SER B 34 -18.72 21.11 -18.72
C SER B 34 -18.59 19.61 -18.99
N GLU B 35 -19.13 19.17 -20.13
CA GLU B 35 -19.00 17.77 -20.53
C GLU B 35 -17.56 17.41 -20.85
N ALA B 36 -16.85 18.32 -21.52
CA ALA B 36 -15.43 18.11 -21.80
C ALA B 36 -14.62 17.93 -20.52
N ARG B 37 -14.86 18.79 -19.52
CA ARG B 37 -14.17 18.63 -18.23
C ARG B 37 -14.53 17.30 -17.57
N ALA B 38 -15.80 16.92 -17.63
CA ALA B 38 -16.24 15.65 -17.07
C ALA B 38 -15.56 14.45 -17.75
N ARG B 39 -15.42 14.48 -19.08
CA ARG B 39 -14.73 13.40 -19.79
C ARG B 39 -13.26 13.35 -19.37
N LEU B 40 -12.64 14.52 -19.24
CA LEU B 40 -11.24 14.56 -18.83
C LEU B 40 -11.05 13.95 -17.45
N LEU B 41 -11.89 14.37 -16.49
CA LEU B 41 -11.74 13.88 -15.14
C LEU B 41 -12.08 12.40 -15.03
N GLY B 42 -13.14 11.98 -15.73
CA GLY B 42 -13.53 10.58 -15.68
C GLY B 42 -12.49 9.68 -16.30
N THR B 43 -11.93 10.11 -17.42
CA THR B 43 -10.90 9.35 -18.12
C THR B 43 -9.62 9.27 -17.28
N ALA B 44 -9.17 10.40 -16.75
CA ALA B 44 -7.96 10.41 -15.93
C ALA B 44 -8.16 9.51 -14.71
N THR B 45 -9.31 9.63 -14.07
CA THR B 45 -9.60 8.81 -12.89
C THR B 45 -9.50 7.32 -13.21
N ARG B 46 -10.17 6.90 -14.29
CA ARG B 46 -10.21 5.48 -14.64
C ARG B 46 -8.81 4.95 -14.94
N ILE B 47 -8.06 5.70 -15.76
CA ILE B 47 -6.78 5.20 -16.23
C ILE B 47 -5.71 5.31 -15.14
N PHE B 48 -5.62 6.46 -14.47
CA PHE B 48 -4.64 6.58 -13.40
C PHE B 48 -4.88 5.53 -12.32
N TYR B 49 -6.15 5.32 -11.95
CA TYR B 49 -6.43 4.34 -10.91
C TYR B 49 -6.03 2.91 -11.33
N ALA B 50 -6.42 2.51 -12.55
CA ALA B 50 -6.17 1.16 -13.02
C ALA B 50 -4.72 0.88 -13.36
N GLU B 51 -4.02 1.89 -13.89
CA GLU B 51 -2.74 1.65 -14.55
C GLU B 51 -1.53 2.30 -13.91
N GLY B 52 -1.75 3.38 -13.14
CA GLY B 52 -0.64 4.17 -12.63
C GLY B 52 -0.64 5.55 -13.25
N ILE B 53 0.31 6.36 -12.83
CA ILE B 53 0.27 7.79 -13.14
C ILE B 53 1.40 8.22 -14.07
N HIS B 54 2.66 7.98 -13.68
CA HIS B 54 3.77 8.41 -14.54
C HIS B 54 3.75 7.75 -15.91
N SER B 55 3.28 6.51 -15.99
CA SER B 55 3.27 5.81 -17.28
C SER B 55 2.14 6.25 -18.19
N VAL B 56 1.24 7.10 -17.69
CA VAL B 56 0.07 7.53 -18.45
C VAL B 56 0.22 9.00 -18.82
N GLY B 57 0.41 9.28 -20.11
CA GLY B 57 0.66 10.64 -20.56
C GLY B 57 -0.61 11.43 -20.75
N ILE B 58 -0.53 12.76 -20.74
CA ILE B 58 -1.72 13.56 -21.05
C ILE B 58 -2.23 13.31 -22.46
N ASP B 59 -1.32 12.89 -23.36
CA ASP B 59 -1.71 12.53 -24.73
C ASP B 59 -2.66 11.34 -24.74
N ARG B 60 -2.46 10.40 -23.83
CA ARG B 60 -3.38 9.29 -23.71
C ARG B 60 -4.73 9.75 -23.16
N ILE B 61 -4.69 10.63 -22.16
CA ILE B 61 -5.93 11.09 -21.56
CA ILE B 61 -5.90 11.17 -21.53
C ILE B 61 -6.76 11.95 -22.53
N THR B 62 -6.13 12.86 -23.28
CA THR B 62 -6.88 13.67 -24.23
C THR B 62 -7.48 12.81 -25.33
N ALA B 63 -6.73 11.81 -25.80
CA ALA B 63 -7.25 10.92 -26.85
C ALA B 63 -8.52 10.24 -26.37
N GLU B 64 -8.44 9.61 -25.20
CA GLU B 64 -9.57 8.83 -24.70
C GLU B 64 -10.71 9.69 -24.18
N ALA B 65 -10.39 10.90 -23.71
CA ALA B 65 -11.40 11.88 -23.31
C ALA B 65 -12.06 12.59 -24.50
N GLN B 66 -11.54 12.35 -25.71
CA GLN B 66 -12.07 12.96 -26.94
C GLN B 66 -12.08 14.49 -26.86
N VAL B 67 -10.94 15.03 -26.43
CA VAL B 67 -10.74 16.49 -26.42
C VAL B 67 -9.38 16.80 -27.00
N THR B 68 -9.19 18.04 -27.43
CA THR B 68 -7.85 18.48 -27.83
C THR B 68 -7.00 18.84 -26.61
N ARG B 69 -5.70 18.97 -26.81
N ARG B 69 -5.69 18.98 -26.83
CA ARG B 69 -4.80 19.43 -25.75
CA ARG B 69 -4.74 19.45 -25.83
C ARG B 69 -5.19 20.84 -25.30
C ARG B 69 -5.11 20.84 -25.33
N ALA B 70 -5.59 21.71 -26.23
CA ALA B 70 -5.96 23.07 -25.85
C ALA B 70 -7.23 23.10 -24.99
N THR B 71 -8.12 22.14 -25.20
CA THR B 71 -9.27 21.97 -24.31
C THR B 71 -8.81 21.51 -22.91
N LEU B 72 -7.89 20.55 -22.85
CA LEU B 72 -7.34 20.14 -21.55
C LEU B 72 -6.84 21.35 -20.77
N TYR B 73 -6.01 22.18 -21.40
CA TYR B 73 -5.40 23.29 -20.68
C TYR B 73 -6.38 24.43 -20.38
N ARG B 74 -7.51 24.44 -21.08
CA ARG B 74 -8.59 25.37 -20.76
C ARG B 74 -9.27 25.00 -19.44
N HIS B 75 -9.18 23.73 -19.05
CA HIS B 75 -9.82 23.26 -17.81
C HIS B 75 -8.86 22.94 -16.68
N PHE B 76 -7.61 22.60 -17.01
CA PHE B 76 -6.60 22.19 -16.03
C PHE B 76 -5.28 22.88 -16.35
N SER B 77 -4.49 23.18 -15.32
N SER B 77 -4.50 23.18 -15.31
CA SER B 77 -3.24 23.91 -15.56
CA SER B 77 -3.23 23.88 -15.51
C SER B 77 -2.11 23.00 -16.06
C SER B 77 -2.16 23.01 -16.14
N GLY B 78 -2.33 21.70 -16.02
CA GLY B 78 -1.35 20.72 -16.46
C GLY B 78 -1.69 19.37 -15.88
N LYS B 79 -0.81 18.40 -16.13
CA LYS B 79 -1.04 17.04 -15.65
C LYS B 79 -1.19 16.98 -14.14
N ASP B 80 -0.38 17.72 -13.39
CA ASP B 80 -0.46 17.65 -11.93
C ASP B 80 -1.82 18.09 -11.42
N ASP B 81 -2.37 19.13 -12.04
CA ASP B 81 -3.69 19.65 -11.66
C ASP B 81 -4.75 18.55 -11.87
N LEU B 82 -4.63 17.82 -12.97
CA LEU B 82 -5.53 16.73 -13.28
C LEU B 82 -5.39 15.55 -12.32
N ILE B 83 -4.15 15.17 -11.99
CA ILE B 83 -3.91 14.16 -10.96
C ILE B 83 -4.56 14.56 -9.64
N LEU B 84 -4.32 15.80 -9.22
CA LEU B 84 -4.90 16.25 -7.96
C LEU B 84 -6.43 16.27 -8.00
N ALA B 85 -7.01 16.58 -9.16
CA ALA B 85 -8.46 16.55 -9.29
C ALA B 85 -9.02 15.13 -9.17
N TYR B 86 -8.30 14.18 -9.76
CA TYR B 86 -8.64 12.76 -9.63
C TYR B 86 -8.60 12.33 -8.16
N LEU B 87 -7.50 12.64 -7.48
CA LEU B 87 -7.38 12.26 -6.08
C LEU B 87 -8.41 12.97 -5.19
N ASP B 88 -8.72 14.23 -5.52
CA ASP B 88 -9.75 14.97 -4.78
C ASP B 88 -11.11 14.28 -4.90
N GLN B 89 -11.45 13.81 -6.09
CA GLN B 89 -12.72 13.10 -6.22
C GLN B 89 -12.71 11.79 -5.45
N ALA B 90 -11.60 11.07 -5.46
CA ALA B 90 -11.48 9.85 -4.66
C ALA B 90 -11.64 10.18 -3.17
N ASP B 91 -10.98 11.24 -2.73
CA ASP B 91 -11.06 11.69 -1.34
C ASP B 91 -12.50 11.99 -0.95
N ARG B 92 -13.18 12.79 -1.77
CA ARG B 92 -14.58 13.13 -1.51
C ARG B 92 -15.46 11.89 -1.47
N GLY B 93 -15.25 10.96 -2.39
CA GLY B 93 -16.06 9.76 -2.46
C GLY B 93 -15.88 8.86 -1.25
N ILE B 94 -14.64 8.70 -0.80
N ILE B 94 -14.63 8.71 -0.81
CA ILE B 94 -14.35 7.88 0.38
CA ILE B 94 -14.32 7.90 0.37
C ILE B 94 -14.88 8.54 1.65
C ILE B 94 -14.84 8.53 1.65
N ARG B 95 -14.70 9.85 1.77
CA ARG B 95 -15.25 10.56 2.92
C ARG B 95 -16.77 10.37 2.98
N ALA B 96 -17.44 10.49 1.84
CA ALA B 96 -18.89 10.26 1.81
C ALA B 96 -19.25 8.85 2.23
N GLN B 97 -18.53 7.84 1.73
CA GLN B 97 -18.82 6.45 2.05
C GLN B 97 -18.60 6.14 3.53
N VAL B 98 -17.51 6.64 4.07
CA VAL B 98 -17.18 6.38 5.47
C VAL B 98 -18.17 7.11 6.37
N THR B 99 -18.55 8.31 5.99
CA THR B 99 -19.48 9.09 6.81
C THR B 99 -20.88 8.47 6.75
N ALA B 100 -21.27 7.96 5.58
CA ALA B 100 -22.54 7.23 5.45
C ALA B 100 -22.51 5.95 6.30
N ALA B 101 -21.38 5.24 6.29
CA ALA B 101 -21.23 4.04 7.12
C ALA B 101 -21.41 4.38 8.61
N ARG B 102 -20.79 5.46 9.05
N ARG B 102 -20.77 5.45 9.06
CA ARG B 102 -20.97 5.94 10.43
CA ARG B 102 -20.99 5.92 10.43
C ARG B 102 -22.42 6.33 10.73
C ARG B 102 -22.47 6.18 10.69
N GLY B 103 -23.13 6.83 9.72
CA GLY B 103 -24.55 7.17 9.88
C GLY B 103 -25.47 5.97 9.95
N SER B 104 -25.01 4.84 9.40
CA SER B 104 -25.83 3.63 9.31
C SER B 104 -26.02 2.88 10.61
N SER B 105 -25.28 3.25 11.66
CA SER B 105 -25.43 2.64 12.98
C SER B 105 -25.41 3.71 14.06
N PRO B 106 -26.29 3.60 15.07
CA PRO B 106 -26.21 4.57 16.17
C PRO B 106 -25.13 4.26 17.20
N ALA B 107 -24.53 3.07 17.11
CA ALA B 107 -23.61 2.57 18.14
C ALA B 107 -22.16 2.71 17.68
N ALA B 108 -21.27 3.11 18.58
CA ALA B 108 -19.88 3.32 18.19
C ALA B 108 -19.24 2.06 17.62
N ASP B 109 -19.51 0.90 18.22
CA ASP B 109 -18.94 -0.36 17.70
C ASP B 109 -19.59 -0.74 16.37
N GLY B 110 -20.91 -0.54 16.26
CA GLY B 110 -21.60 -0.76 15.00
C GLY B 110 -21.08 0.13 13.88
N GLN B 111 -20.69 1.35 14.23
CA GLN B 111 -20.09 2.28 13.27
C GLN B 111 -18.74 1.77 12.76
N VAL B 112 -17.90 1.27 13.66
CA VAL B 112 -16.64 0.68 13.24
C VAL B 112 -16.89 -0.51 12.31
N ARG B 113 -17.86 -1.36 12.66
CA ARG B 113 -18.16 -2.52 11.82
C ARG B 113 -18.69 -2.10 10.45
N ALA B 114 -19.51 -1.05 10.41
CA ALA B 114 -20.02 -0.54 9.13
C ALA B 114 -18.90 0.03 8.25
N VAL B 115 -17.97 0.76 8.87
CA VAL B 115 -16.81 1.27 8.12
C VAL B 115 -16.01 0.11 7.56
N ALA B 116 -15.79 -0.92 8.38
CA ALA B 116 -15.07 -2.10 7.93
C ALA B 116 -15.79 -2.80 6.76
N ARG B 117 -17.11 -2.89 6.81
CA ARG B 117 -17.87 -3.48 5.70
C ARG B 117 -17.73 -2.65 4.42
N SER B 118 -17.66 -1.33 4.55
CA SER B 118 -17.47 -0.47 3.39
CA SER B 118 -17.49 -0.48 3.38
C SER B 118 -16.13 -0.74 2.72
N ILE B 119 -15.09 -0.91 3.54
CA ILE B 119 -13.76 -1.20 3.03
C ILE B 119 -13.77 -2.52 2.24
N VAL B 120 -14.37 -3.55 2.84
N VAL B 120 -14.36 -3.58 2.80
CA VAL B 120 -14.48 -4.88 2.22
CA VAL B 120 -14.36 -4.86 2.10
C VAL B 120 -15.24 -4.83 0.91
C VAL B 120 -15.33 -4.94 0.91
N ASP B 121 -16.35 -4.08 0.90
CA ASP B 121 -17.17 -3.96 -0.31
C ASP B 121 -16.31 -3.45 -1.46
N GLY B 122 -15.43 -2.49 -1.18
CA GLY B 122 -14.50 -2.01 -2.21
C GLY B 122 -13.52 -3.07 -2.65
N ILE B 123 -12.91 -3.76 -1.69
CA ILE B 123 -11.94 -4.81 -2.00
C ILE B 123 -12.53 -5.89 -2.91
N ARG B 124 -13.80 -6.21 -2.70
N ARG B 124 -13.80 -6.22 -2.69
CA ARG B 124 -14.46 -7.28 -3.44
CA ARG B 124 -14.46 -7.28 -3.44
C ARG B 124 -15.07 -6.82 -4.76
C ARG B 124 -15.27 -6.78 -4.64
N SER B 125 -15.05 -5.51 -5.00
CA SER B 125 -15.70 -4.92 -6.18
C SER B 125 -14.94 -5.22 -7.46
N PRO B 126 -15.66 -5.40 -8.58
CA PRO B 126 -14.91 -5.55 -9.83
C PRO B 126 -14.11 -4.27 -10.11
N GLY B 127 -12.90 -4.46 -10.62
CA GLY B 127 -12.03 -3.33 -10.91
C GLY B 127 -11.21 -2.83 -9.74
N PHE B 128 -11.29 -3.52 -8.59
CA PHE B 128 -10.45 -3.13 -7.47
C PHE B 128 -8.98 -3.27 -7.83
N ARG B 129 -8.21 -2.23 -7.50
CA ARG B 129 -6.80 -2.19 -7.85
C ARG B 129 -6.00 -1.54 -6.72
N GLY B 130 -6.43 -1.78 -5.48
CA GLY B 130 -5.73 -1.29 -4.30
C GLY B 130 -6.19 0.09 -3.87
N CYS B 131 -5.51 0.66 -2.87
CA CYS B 131 -5.84 2.00 -2.41
C CYS B 131 -5.30 3.02 -3.40
N ALA B 132 -6.17 3.90 -3.91
CA ALA B 132 -5.76 4.96 -4.83
C ALA B 132 -4.63 5.81 -4.23
N PHE B 133 -4.67 6.04 -2.92
CA PHE B 133 -3.69 6.91 -2.27
C PHE B 133 -2.36 6.19 -2.04
N LEU B 134 -2.41 4.94 -1.61
CA LEU B 134 -1.17 4.16 -1.50
C LEU B 134 -0.51 4.01 -2.87
N ASN B 135 -1.31 3.78 -3.90
CA ASN B 135 -0.73 3.62 -5.24
C ASN B 135 -0.11 4.92 -5.73
N ALA B 136 -0.78 6.04 -5.47
CA ALA B 136 -0.23 7.33 -5.88
C ALA B 136 1.06 7.66 -5.13
N VAL B 137 1.08 7.41 -3.82
CA VAL B 137 2.26 7.78 -3.04
C VAL B 137 3.47 6.88 -3.35
N ALA B 138 3.21 5.67 -3.81
CA ALA B 138 4.32 4.84 -4.30
C ALA B 138 5.08 5.55 -5.42
N GLU B 139 4.35 6.30 -6.25
CA GLU B 139 4.94 7.02 -7.40
C GLU B 139 5.37 8.45 -7.07
N TYR B 140 4.84 8.99 -5.97
CA TYR B 140 5.13 10.38 -5.55
C TYR B 140 5.67 10.39 -4.14
N PRO B 141 6.87 9.81 -3.92
CA PRO B 141 7.46 9.77 -2.58
C PRO B 141 8.01 11.10 -2.03
N ASP B 142 8.19 12.11 -2.88
CA ASP B 142 8.73 13.39 -2.42
C ASP B 142 7.72 14.07 -1.50
N PRO B 143 8.08 14.24 -0.22
CA PRO B 143 7.09 14.82 0.70
C PRO B 143 6.68 16.25 0.39
N ALA B 144 7.46 16.95 -0.42
CA ALA B 144 7.14 18.31 -0.83
C ALA B 144 6.10 18.34 -1.96
N HIS B 145 5.88 17.20 -2.62
CA HIS B 145 5.01 17.17 -3.78
C HIS B 145 3.53 17.23 -3.36
N PRO B 146 2.72 18.05 -4.04
CA PRO B 146 1.30 18.15 -3.71
CA PRO B 146 1.32 18.13 -3.65
C PRO B 146 0.56 16.80 -3.68
N VAL B 147 0.97 15.85 -4.53
CA VAL B 147 0.32 14.52 -4.49
C VAL B 147 0.62 13.83 -3.15
N HIS B 148 1.87 13.90 -2.70
CA HIS B 148 2.25 13.31 -1.42
C HIS B 148 1.47 13.94 -0.27
N ARG B 149 1.40 15.27 -0.30
N ARG B 149 1.38 15.27 -0.31
CA ARG B 149 0.68 16.00 0.72
CA ARG B 149 0.67 15.99 0.74
C ARG B 149 -0.80 15.61 0.75
C ARG B 149 -0.83 15.69 0.76
N ALA B 150 -1.41 15.46 -0.43
CA ALA B 150 -2.81 15.05 -0.52
C ALA B 150 -3.04 13.66 0.08
N VAL B 151 -2.13 12.75 -0.20
CA VAL B 151 -2.21 11.41 0.36
C VAL B 151 -2.16 11.45 1.89
N LEU B 152 -1.21 12.20 2.44
CA LEU B 152 -1.11 12.28 3.89
C LEU B 152 -2.34 12.94 4.52
N ALA B 153 -2.91 13.93 3.84
CA ALA B 153 -4.09 14.59 4.38
C ALA B 153 -5.28 13.64 4.44
N HIS B 154 -5.46 12.85 3.38
CA HIS B 154 -6.53 11.86 3.38
C HIS B 154 -6.33 10.85 4.49
N ARG B 155 -5.12 10.32 4.59
CA ARG B 155 -4.81 9.30 5.58
C ARG B 155 -5.01 9.82 7.01
N GLN B 156 -4.62 11.07 7.26
CA GLN B 156 -4.78 11.60 8.61
C GLN B 156 -6.25 11.77 8.96
N TRP B 157 -7.06 12.21 8.00
CA TRP B 157 -8.50 12.27 8.24
C TRP B 157 -9.04 10.89 8.61
N PHE B 158 -8.60 9.86 7.90
CA PHE B 158 -9.13 8.52 8.18
C PHE B 158 -8.68 8.03 9.56
N LEU B 159 -7.41 8.23 9.90
CA LEU B 159 -6.91 7.83 11.21
C LEU B 159 -7.67 8.58 12.32
N ASP B 160 -7.86 9.89 12.15
CA ASP B 160 -8.60 10.66 13.16
C ASP B 160 -10.01 10.12 13.31
N THR B 161 -10.64 9.79 12.19
CA THR B 161 -12.02 9.29 12.19
C THR B 161 -12.15 7.97 12.96
N VAL B 162 -11.29 7.00 12.66
CA VAL B 162 -11.43 5.73 13.34
C VAL B 162 -10.95 5.76 14.79
N THR B 163 -9.97 6.63 15.08
CA THR B 163 -9.53 6.84 16.46
C THR B 163 -10.69 7.38 17.28
N GLU B 164 -11.40 8.37 16.75
CA GLU B 164 -12.54 8.93 17.46
C GLU B 164 -13.65 7.88 17.68
N LEU B 165 -13.89 7.01 16.70
CA LEU B 165 -14.87 5.93 16.88
C LEU B 165 -14.43 4.98 17.99
N LEU B 166 -13.18 4.57 17.94
CA LEU B 166 -12.67 3.60 18.92
C LEU B 166 -12.62 4.17 20.34
N ALA B 167 -12.38 5.48 20.45
CA ALA B 167 -12.44 6.18 21.75
C ALA B 167 -13.81 6.07 22.41
N GLN B 168 -14.84 5.79 21.60
CA GLN B 168 -16.21 5.69 22.09
C GLN B 168 -16.66 4.25 22.33
N VAL B 169 -15.81 3.29 21.98
CA VAL B 169 -16.12 1.87 22.18
C VAL B 169 -15.67 1.39 23.56
N GLY B 170 -14.51 1.86 24.01
CA GLY B 170 -13.97 1.49 25.33
C GLY B 170 -13.64 2.73 26.15
N ASP B 171 -13.04 2.51 27.32
CA ASP B 171 -12.75 3.61 28.23
C ASP B 171 -11.52 4.42 27.86
N GLY B 172 -10.63 3.82 27.07
CA GLY B 172 -9.38 4.49 26.68
C GLY B 172 -9.57 5.49 25.54
N ASP B 173 -8.48 6.13 25.13
CA ASP B 173 -8.55 7.21 24.16
C ASP B 173 -8.59 6.75 22.67
N GLY B 174 -8.51 5.44 22.47
CA GLY B 174 -8.56 4.88 21.11
C GLY B 174 -7.37 5.14 20.22
N VAL B 175 -6.32 5.78 20.73
CA VAL B 175 -5.17 6.16 19.91
C VAL B 175 -4.40 4.94 19.38
N ALA B 176 -3.99 4.05 20.28
CA ALA B 176 -3.30 2.83 19.85
C ALA B 176 -4.20 1.96 18.96
N ALA B 177 -5.47 1.85 19.33
CA ALA B 177 -6.42 1.03 18.60
C ALA B 177 -6.63 1.58 17.19
N GLY B 178 -6.69 2.90 17.08
CA GLY B 178 -6.92 3.53 15.78
C GLY B 178 -5.77 3.26 14.82
N ARG B 179 -4.54 3.34 15.33
CA ARG B 179 -3.37 3.04 14.52
C ARG B 179 -3.36 1.58 14.10
N HIS B 180 -3.84 0.70 14.99
CA HIS B 180 -3.90 -0.74 14.72
C HIS B 180 -4.93 -1.01 13.62
N LEU B 181 -6.11 -0.39 13.74
CA LEU B 181 -7.14 -0.56 12.71
CA LEU B 181 -7.14 -0.54 12.72
C LEU B 181 -6.65 -0.05 11.35
N VAL B 182 -5.99 1.10 11.34
CA VAL B 182 -5.42 1.61 10.10
C VAL B 182 -4.40 0.63 9.50
N MSE B 183 -3.59 -0.01 10.34
CA MSE B 183 -2.62 -0.98 9.84
C MSE B 183 -3.29 -2.14 9.14
O MSE B 183 -2.87 -2.56 8.06
CB MSE B 183 -1.71 -1.46 10.98
CG MSE B 183 -0.57 -2.35 10.53
SE MSE B 183 0.71 -2.63 11.96
CE MSE B 183 1.44 -0.81 11.96
N LEU B 184 -4.34 -2.66 9.75
CA LEU B 184 -5.11 -3.73 9.13
C LEU B 184 -5.75 -3.26 7.83
N ARG B 185 -6.35 -2.07 7.83
CA ARG B 185 -6.93 -1.51 6.62
C ARG B 185 -5.90 -1.36 5.50
N ASP B 186 -4.73 -0.83 5.83
CA ASP B 186 -3.68 -0.62 4.83
C ASP B 186 -3.25 -1.97 4.24
N GLY B 187 -3.06 -2.97 5.10
CA GLY B 187 -2.70 -4.30 4.62
C GLY B 187 -3.76 -4.94 3.76
N ALA B 188 -5.03 -4.74 4.12
CA ALA B 188 -6.14 -5.30 3.36
C ALA B 188 -6.25 -4.64 1.98
N MSE B 189 -6.15 -3.32 1.93
CA MSE B 189 -6.24 -2.61 0.65
C MSE B 189 -5.07 -2.99 -0.25
O MSE B 189 -5.25 -3.15 -1.46
CB MSE B 189 -6.27 -1.10 0.86
CG MSE B 189 -7.48 -0.60 1.63
SE MSE B 189 -9.20 -0.82 0.69
CE MSE B 189 -8.96 0.69 -0.60
N ALA B 190 -3.88 -3.11 0.34
CA ALA B 190 -2.67 -3.44 -0.44
C ALA B 190 -2.75 -4.84 -1.03
N ALA B 191 -3.30 -5.78 -0.28
CA ALA B 191 -3.33 -7.19 -0.71
C ALA B 191 -4.58 -7.54 -1.50
N GLY B 192 -5.62 -6.70 -1.44
CA GLY B 192 -6.91 -7.02 -2.04
C GLY B 192 -6.86 -7.28 -3.53
N CYS B 193 -5.89 -6.69 -4.23
CA CYS B 193 -5.70 -6.91 -5.67
C CYS B 193 -4.55 -7.87 -5.96
N LEU B 194 -3.94 -8.42 -4.92
CA LEU B 194 -2.77 -9.30 -5.02
C LEU B 194 -3.03 -10.69 -4.46
N PHE B 195 -4.24 -10.95 -3.98
CA PHE B 195 -4.57 -12.17 -3.28
C PHE B 195 -6.09 -12.31 -3.36
N ASP B 196 -6.59 -13.52 -3.16
CA ASP B 196 -8.04 -13.78 -3.16
C ASP B 196 -8.76 -12.72 -2.30
N PRO B 197 -9.58 -11.85 -2.94
CA PRO B 197 -10.23 -10.77 -2.17
C PRO B 197 -11.17 -11.24 -1.07
N GLU B 198 -11.75 -12.43 -1.23
N GLU B 198 -11.76 -12.43 -1.23
CA GLU B 198 -12.62 -12.99 -0.19
CA GLU B 198 -12.62 -13.00 -0.20
C GLU B 198 -11.81 -13.37 1.05
C GLU B 198 -11.81 -13.35 1.05
N LEU B 199 -10.64 -13.96 0.84
CA LEU B 199 -9.76 -14.32 1.96
C LEU B 199 -9.19 -13.07 2.64
N VAL B 200 -8.79 -12.08 1.84
CA VAL B 200 -8.32 -10.80 2.38
C VAL B 200 -9.43 -10.18 3.25
N SER B 201 -10.66 -10.17 2.74
CA SER B 201 -11.78 -9.57 3.47
C SER B 201 -12.06 -10.28 4.78
N GLU B 202 -12.04 -11.61 4.76
CA GLU B 202 -12.25 -12.43 5.96
C GLU B 202 -11.19 -12.10 7.02
N THR B 203 -9.93 -12.06 6.61
CA THR B 203 -8.84 -11.75 7.54
C THR B 203 -9.01 -10.35 8.14
N PHE B 204 -9.34 -9.39 7.29
CA PHE B 204 -9.53 -8.02 7.74
C PHE B 204 -10.67 -7.92 8.75
N LEU B 205 -11.82 -8.49 8.43
CA LEU B 205 -12.96 -8.41 9.36
C LEU B 205 -12.66 -9.08 10.70
N HIS B 206 -11.96 -10.21 10.68
CA HIS B 206 -11.52 -10.87 11.91
C HIS B 206 -10.60 -9.95 12.71
N GLY B 207 -9.68 -9.30 12.01
CA GLY B 207 -8.78 -8.34 12.65
C GLY B 207 -9.52 -7.19 13.32
N VAL B 208 -10.54 -6.66 12.62
CA VAL B 208 -11.34 -5.56 13.17
C VAL B 208 -12.05 -6.03 14.44
N GLU B 209 -12.61 -7.24 14.41
CA GLU B 209 -13.26 -7.77 15.61
C GLU B 209 -12.27 -7.84 16.78
N GLY B 210 -11.04 -8.22 16.49
CA GLY B 210 -10.02 -8.28 17.53
C GLY B 210 -9.71 -6.91 18.13
N VAL B 211 -9.63 -5.89 17.28
CA VAL B 211 -9.40 -4.53 17.76
C VAL B 211 -10.56 -4.06 18.65
N LEU B 212 -11.80 -4.35 18.23
CA LEU B 212 -12.96 -3.99 19.03
C LEU B 212 -12.94 -4.68 20.39
N ARG B 213 -12.59 -5.96 20.41
N ARG B 213 -12.54 -5.95 20.39
CA ARG B 213 -12.47 -6.69 21.68
CA ARG B 213 -12.43 -6.78 21.59
C ARG B 213 -11.40 -6.04 22.56
C ARG B 213 -11.33 -6.28 22.54
N ASP B 214 -10.23 -5.80 21.96
CA ASP B 214 -9.08 -5.24 22.71
C ASP B 214 -9.41 -3.94 23.42
N VAL B 215 -10.12 -3.04 22.75
CA VAL B 215 -10.42 -1.72 23.32
C VAL B 215 -11.51 -1.79 24.37
N SER B 216 -12.33 -2.85 24.29
CA SER B 216 -13.43 -3.05 25.21
C SER B 216 -12.93 -3.73 26.48
N GLU B 217 -11.67 -4.18 26.44
CA GLU B 217 -11.04 -5.04 27.45
C GLU B 217 -11.57 -6.47 27.35
C1 EDO C . 8.95 -9.74 3.29
O1 EDO C . 8.97 -8.93 2.11
C2 EDO C . 9.65 -9.03 4.43
O2 EDO C . 8.95 -7.83 4.79
C1 EDO D . 21.57 -10.79 7.49
O1 EDO D . 21.34 -11.91 6.63
C2 EDO D . 20.87 -11.02 8.83
O2 EDO D . 20.24 -9.81 9.25
C1 EDO E . 13.91 7.33 14.27
O1 EDO E . 14.52 6.47 15.24
C2 EDO E . 12.97 6.53 13.37
O2 EDO E . 11.94 5.94 14.15
C1 EDO F . 26.59 2.72 -7.10
O1 EDO F . 27.74 3.55 -7.31
C2 EDO F . 26.64 1.96 -5.80
O2 EDO F . 27.21 0.66 -5.98
C1 EDO G . -7.59 -14.43 9.94
O1 EDO G . -6.98 -14.75 8.67
C2 EDO G . -8.75 -15.34 10.34
O2 EDO G . -9.82 -15.34 9.38
C1 EDO H . -1.76 -22.16 15.33
O1 EDO H . -0.59 -22.92 15.06
C2 EDO H . -2.19 -21.50 14.04
O2 EDO H . -3.48 -21.94 13.66
C1 EDO I . 4.05 -17.07 21.99
O1 EDO I . 4.85 -16.92 23.15
C2 EDO I . 2.57 -17.07 22.37
O2 EDO I . 2.26 -15.89 23.10
C1 EDO J . 14.15 -24.33 13.72
O1 EDO J . 14.72 -23.40 12.81
C2 EDO J . 14.73 -25.70 13.42
O2 EDO J . 14.78 -26.43 14.64
C1 EDO K . 32.77 -7.23 -17.38
O1 EDO K . 33.83 -6.94 -16.45
C2 EDO K . 32.48 -8.74 -17.35
O2 EDO K . 31.33 -9.03 -16.57
C1 EDO L . 18.28 -22.58 4.52
O1 EDO L . 19.33 -21.90 5.23
C2 EDO L . 17.55 -21.59 3.63
O2 EDO L . 18.44 -21.08 2.63
C1 EDO M . 8.54 -21.33 2.60
C1 EDO M . 8.34 -21.91 3.32
O1 EDO M . 9.74 -21.01 3.32
O1 EDO M . 7.25 -22.82 3.14
C2 EDO M . 8.83 -22.47 1.63
C2 EDO M . 8.59 -21.13 2.04
O2 EDO M . 9.94 -22.12 0.79
O2 EDO M . 8.76 -22.04 0.94
C1 EDO N . 0.58 -23.10 22.66
O1 EDO N . -0.37 -23.70 21.78
C2 EDO N . 0.03 -23.07 24.07
O2 EDO N . 0.75 -22.13 24.86
C1 EDO O . 11.66 11.28 -3.05
O1 EDO O . 11.66 11.70 -4.42
C2 EDO O . 12.59 10.09 -2.84
O2 EDO O . 12.25 9.29 -1.70
C1 EDO P . -0.12 -27.51 12.07
O1 EDO P . 0.56 -28.44 11.22
C2 EDO P . 0.18 -27.82 13.52
O2 EDO P . 0.13 -26.64 14.35
C1 EDO Q . 17.44 -18.08 1.14
C1 EDO Q . 16.49 -18.71 1.45
O1 EDO Q . 18.44 -17.44 1.95
O1 EDO Q . 17.08 -18.41 2.70
C2 EDO Q . 16.23 -18.50 1.97
C2 EDO Q . 14.97 -18.83 1.60
O2 EDO Q . 15.05 -18.63 1.16
O2 EDO Q . 14.40 -18.79 0.29
C1 PEG R . 10.12 -7.48 -18.87
O1 PEG R . 10.18 -7.16 -17.47
C2 PEG R . 8.89 -6.81 -19.46
O2 PEG R . 8.43 -7.58 -20.57
C3 PEG R . 7.01 -7.56 -20.64
C4 PEG R . 6.56 -6.88 -21.93
O4 PEG R . 6.22 -5.51 -21.63
NA NA S . 2.02 -3.50 -16.08
I IOD T . 13.43 -8.54 6.65
C1 EDO U . -10.84 4.21 3.76
O1 EDO U . -10.21 2.96 3.42
C2 EDO U . -9.77 5.28 3.95
O2 EDO U . -9.10 5.56 2.72
C1 EDO V . -16.40 14.51 5.13
O1 EDO V . -15.43 14.25 6.13
C2 EDO V . -16.11 15.91 4.66
O2 EDO V . -16.61 16.25 3.38
C1 EDO W . 0.24 3.10 -19.07
O1 EDO W . 1.42 3.07 -19.86
C2 EDO W . 0.34 2.03 -18.00
O2 EDO W . -0.36 0.86 -18.44
C1 EDO X . -10.74 2.30 24.12
O1 EDO X . -11.74 3.29 23.82
C2 EDO X . -9.49 2.57 23.31
O2 EDO X . -8.36 2.87 24.12
C1 EDO Y . -13.32 20.72 -30.36
O1 EDO Y . -12.44 19.62 -30.14
C2 EDO Y . -13.27 21.08 -31.83
O2 EDO Y . -11.92 21.41 -32.17
C1 EDO Z . -19.78 16.83 10.60
O1 EDO Z . -20.83 17.62 11.18
C2 EDO Z . -20.42 15.62 9.93
O2 EDO Z . -19.46 14.96 9.09
C1 EDO AA . -17.48 -4.41 20.40
O1 EDO AA . -18.78 -5.00 20.27
C2 EDO AA . -16.58 -5.27 21.29
O2 EDO AA . -16.40 -6.57 20.72
C1 EDO BA . 2.90 12.62 -27.65
O1 EDO BA . 2.40 13.74 -26.91
C2 EDO BA . 3.79 11.77 -26.74
O2 EDO BA . 4.84 12.58 -26.21
C1 EDO CA . -23.17 9.33 15.32
O1 EDO CA . -21.95 9.97 14.97
C2 EDO CA . -23.23 9.04 16.81
O2 EDO CA . -24.28 9.82 17.43
C1 EDO DA . -16.06 11.45 -6.25
O1 EDO DA . -16.61 12.68 -5.76
C2 EDO DA . -16.98 10.27 -6.04
O2 EDO DA . -17.53 9.90 -7.30
C1 EDO EA . -1.53 -14.54 -5.13
O1 EDO EA . -0.29 -15.20 -5.43
C2 EDO EA . -2.17 -13.95 -6.38
O2 EDO EA . -1.83 -14.72 -7.55
C1 EDO FA . -14.70 8.61 -19.23
C1 EDO FA . -15.56 9.50 -20.30
O1 EDO FA . -15.69 9.61 -19.02
O1 EDO FA . -14.43 10.14 -20.90
C2 EDO FA . -14.83 7.56 -18.13
C2 EDO FA . -15.33 9.34 -18.80
O2 EDO FA . -13.74 6.66 -18.29
O2 EDO FA . -16.42 9.93 -18.11
C1 PEG GA . 7.41 13.12 -6.64
O1 PEG GA . 8.04 12.07 -5.92
C2 PEG GA . 8.44 14.00 -7.36
O2 PEG GA . 7.81 14.51 -8.52
C3 PEG GA . 8.52 14.15 -9.71
C4 PEG GA . 7.80 12.99 -10.37
O4 PEG GA . 7.82 13.21 -11.78
CL CL HA . -14.77 3.26 1.93
CL CL IA . 0.16 21.73 -13.26
NA NA JA . -4.86 -15.98 -3.65
CL CL KA . -20.56 15.37 6.53
I IOD LA . -6.02 -1.30 22.25
I IOD MA . -21.77 7.16 -0.62
#